data_6M8W
#
_entry.id   6M8W
#
_cell.length_a   97.290
_cell.length_b   97.290
_cell.length_c   83.460
_cell.angle_alpha   90.00
_cell.angle_beta   90.00
_cell.angle_gamma   120.00
#
_symmetry.space_group_name_H-M   'P 62'
#
loop_
_entity.id
_entity.type
_entity.pdbx_description
1 polymer SEDOLISIN
2 polymer 'AIAF PEPTIDE INHIBITOR'
3 non-polymer 'CALCIUM ION'
4 non-polymer GLYCEROL
5 non-polymer 'CHLORIDE ION'
6 water water
#
loop_
_entity_poly.entity_id
_entity_poly.type
_entity_poly.pdbx_seq_one_letter_code
_entity_poly.pdbx_strand_id
1 'polypeptide(L)'
;AGTAKGHNPTEFPTIYDASSAPTAANTTVGIITIGGVSQTLQDLQQFTSANGLASVNTQTIQTGSSNGDYSDDQQGQGEW
DLDSQSIVGSAGGAVQQLLFYMADQSASGNTGLTQAFNQAVSDNVAKVINVSLGWCEADANADGTLQAEDRIFATAAAQG
QTFSVSSGDEGVYECNNRGYPDGSTYSVSWPASSPNVIAVGGTTLYTTSAGAYSNETVWNEGLDSNGKLWATGGGYSVYE
SKPSWQSVVSGTPGRRLLPDISFDAAQGTGALIYNYGQLQQIGGTSLASPIFVGLWARLQSANSNSLGFPAASFYSAISS
TPSLVHDVKSGNNGYGGYGYNAGTGWDYPTGWGSLDIAKLSAYIRSNGF
;
A
2 'polypeptide(L)' (ACE)IA(PHL) B
#
loop_
_chem_comp.id
_chem_comp.type
_chem_comp.name
_chem_comp.formula
ACE non-polymer 'ACETYL GROUP' 'C2 H4 O'
CA non-polymer 'CALCIUM ION' 'Ca 2'
CL non-polymer 'CHLORIDE ION' 'Cl -1'
GOL non-polymer GLYCEROL 'C3 H8 O3'
#
# COMPACT_ATOMS: atom_id res chain seq x y z
N ALA A 1 -20.29 -14.01 3.23
CA ALA A 1 -20.29 -14.84 4.45
C ALA A 1 -19.44 -14.17 5.52
N GLY A 2 -19.28 -14.71 6.74
CA GLY A 2 -18.37 -13.82 7.49
C GLY A 2 -19.07 -12.54 7.85
N THR A 3 -18.30 -11.73 8.66
CA THR A 3 -18.77 -10.48 9.22
C THR A 3 -17.84 -9.34 8.79
N ALA A 4 -18.43 -8.18 8.53
CA ALA A 4 -17.71 -6.91 8.32
C ALA A 4 -17.56 -6.17 9.63
N LYS A 5 -16.34 -5.96 10.09
CA LYS A 5 -16.10 -5.19 11.29
C LYS A 5 -14.69 -4.63 11.23
N GLY A 6 -14.40 -3.71 12.11
CA GLY A 6 -13.08 -3.18 12.23
C GLY A 6 -12.16 -4.19 12.90
N HIS A 7 -10.85 -3.99 12.72
CA HIS A 7 -9.81 -4.92 13.17
C HIS A 7 -8.63 -4.17 13.78
N ASN A 8 -8.16 -4.69 14.91
CA ASN A 8 -6.87 -4.26 15.44
C ASN A 8 -5.80 -4.64 14.44
N PRO A 9 -4.79 -3.78 14.19
CA PRO A 9 -3.66 -4.17 13.34
C PRO A 9 -2.96 -5.44 13.76
N THR A 10 -2.94 -5.79 15.03
CA THR A 10 -2.30 -7.05 15.41
C THR A 10 -3.07 -8.26 14.88
N GLU A 11 -4.26 -8.13 14.37
CA GLU A 11 -5.02 -9.22 13.76
C GLU A 11 -4.57 -9.52 12.35
N PHE A 12 -3.95 -8.58 11.65
CA PHE A 12 -3.63 -8.84 10.23
C PHE A 12 -2.77 -10.10 10.01
N PRO A 13 -1.81 -10.44 10.87
CA PRO A 13 -1.08 -11.70 10.62
C PRO A 13 -2.01 -12.92 10.63
N THR A 14 -2.97 -13.02 11.56
CA THR A 14 -3.89 -14.13 11.56
C THR A 14 -4.72 -14.14 10.29
N ILE A 15 -5.22 -12.99 9.92
CA ILE A 15 -6.10 -12.88 8.75
C ILE A 15 -5.39 -13.31 7.49
N TYR A 16 -4.14 -12.91 7.29
CA TYR A 16 -3.40 -13.18 6.05
C TYR A 16 -2.39 -14.32 6.22
N ASP A 17 -2.60 -15.17 7.23
CA ASP A 17 -1.82 -16.42 7.38
C ASP A 17 -0.32 -16.19 7.54
N ALA A 18 0.06 -15.22 8.37
CA ALA A 18 1.45 -14.88 8.60
C ALA A 18 1.95 -15.21 9.98
N SER A 19 1.11 -15.76 10.86
CA SER A 19 1.52 -15.97 12.24
C SER A 19 2.73 -16.88 12.36
N SER A 20 2.89 -17.82 11.43
CA SER A 20 3.99 -18.79 11.50
C SER A 20 5.27 -18.25 10.90
N ALA A 21 5.28 -17.07 10.32
CA ALA A 21 6.46 -16.43 9.76
C ALA A 21 7.20 -15.68 10.83
N PRO A 22 8.50 -15.43 10.66
CA PRO A 22 9.20 -14.54 11.56
C PRO A 22 8.57 -13.17 11.57
N THR A 23 8.78 -12.39 12.61
CA THR A 23 8.43 -10.98 12.56
C THR A 23 9.43 -10.26 11.67
N ALA A 24 9.19 -8.97 11.44
CA ALA A 24 10.14 -8.14 10.69
C ALA A 24 11.25 -7.55 11.54
N ALA A 25 11.58 -8.20 12.67
CA ALA A 25 12.60 -7.66 13.56
C ALA A 25 13.97 -7.47 12.93
N ASN A 26 14.24 -8.15 11.84
CA ASN A 26 15.50 -8.04 11.16
C ASN A 26 15.45 -7.20 9.87
N THR A 27 14.38 -6.47 9.63
CA THR A 27 14.21 -5.67 8.45
C THR A 27 13.86 -4.25 8.79
N THR A 28 14.54 -3.28 8.18
CA THR A 28 14.23 -1.87 8.33
C THR A 28 13.19 -1.44 7.30
N VAL A 29 12.21 -0.71 7.77
CA VAL A 29 11.06 -0.26 6.96
C VAL A 29 11.00 1.24 6.97
N GLY A 30 10.72 1.83 5.80
CA GLY A 30 10.48 3.24 5.66
C GLY A 30 9.04 3.59 5.41
N ILE A 31 8.69 4.83 5.76
CA ILE A 31 7.38 5.41 5.49
C ILE A 31 7.60 6.80 4.91
N ILE A 32 7.06 7.10 3.75
CA ILE A 32 7.10 8.45 3.20
C ILE A 32 5.96 9.25 3.80
N THR A 33 6.30 10.42 4.37
CA THR A 33 5.26 11.31 4.91
C THR A 33 5.36 12.70 4.29
N ILE A 34 4.28 13.45 4.37
CA ILE A 34 4.27 14.87 4.02
C ILE A 34 4.33 15.63 5.33
N GLY A 35 5.44 16.27 5.63
CA GLY A 35 5.65 16.97 6.90
C GLY A 35 5.97 16.02 8.04
N GLY A 36 5.84 16.55 9.25
CA GLY A 36 6.37 15.94 10.45
C GLY A 36 5.47 14.85 11.01
N VAL A 37 5.99 14.17 11.99
CA VAL A 37 5.37 13.00 12.59
C VAL A 37 5.39 13.06 14.13
N SER A 38 5.41 14.27 14.74
CA SER A 38 5.57 14.35 16.19
C SER A 38 4.38 13.72 16.91
N GLN A 39 3.16 14.03 16.51
CA GLN A 39 2.02 13.38 17.16
C GLN A 39 1.98 11.90 16.78
N THR A 40 2.28 11.57 15.53
CA THR A 40 2.29 10.18 15.10
C THR A 40 3.18 9.35 15.99
N LEU A 41 4.36 9.82 16.42
CA LEU A 41 5.24 9.04 17.30
C LEU A 41 4.61 8.80 18.68
N GLN A 42 3.83 9.76 19.17
CA GLN A 42 3.10 9.56 20.42
C GLN A 42 2.01 8.53 20.26
N ASP A 43 1.27 8.62 19.14
CA ASP A 43 0.24 7.60 18.82
C ASP A 43 0.86 6.24 18.65
N LEU A 44 2.07 6.18 18.10
CA LEU A 44 2.76 4.85 17.95
C LEU A 44 3.09 4.26 19.29
N GLN A 45 3.54 5.11 20.24
CA GLN A 45 3.81 4.67 21.59
C GLN A 45 2.53 4.17 22.26
N GLN A 46 1.40 4.86 22.07
CA GLN A 46 0.13 4.39 22.58
C GLN A 46 -0.18 3.03 22.01
N PHE A 47 0.01 2.87 20.68
CA PHE A 47 -0.23 1.59 20.02
C PHE A 47 0.61 0.47 20.59
N THR A 48 1.93 0.62 20.63
CA THR A 48 2.75 -0.51 21.08
C THR A 48 2.46 -0.78 22.55
N SER A 49 2.34 0.27 23.37
CA SER A 49 2.10 0.04 24.79
C SER A 49 0.74 -0.61 25.04
N ALA A 50 -0.33 -0.17 24.37
CA ALA A 50 -1.64 -0.77 24.60
C ALA A 50 -1.65 -2.23 24.21
N ASN A 51 -0.91 -2.59 23.15
CA ASN A 51 -0.87 -3.96 22.69
C ASN A 51 0.20 -4.79 23.37
N GLY A 52 0.88 -4.25 24.37
CA GLY A 52 1.85 -5.03 25.12
C GLY A 52 3.08 -5.37 24.34
N LEU A 53 3.41 -4.63 23.30
CA LEU A 53 4.54 -4.91 22.44
C LEU A 53 5.76 -4.16 22.88
N ALA A 54 6.94 -4.75 22.58
CA ALA A 54 8.18 -4.01 22.73
C ALA A 54 8.10 -2.70 21.93
N SER A 55 8.73 -1.62 22.42
CA SER A 55 8.74 -0.38 21.67
C SER A 55 9.51 -0.50 20.35
N VAL A 56 9.08 0.30 19.38
CA VAL A 56 9.66 0.30 18.06
C VAL A 56 10.77 1.34 17.98
N ASN A 57 11.91 1.01 17.46
CA ASN A 57 13.01 1.94 17.18
C ASN A 57 12.61 2.79 15.98
N THR A 58 12.55 4.10 16.11
CA THR A 58 12.19 5.00 15.05
C THR A 58 13.31 6.00 14.78
N GLN A 59 13.28 6.54 13.58
CA GLN A 59 14.09 7.68 13.19
C GLN A 59 13.26 8.56 12.31
N THR A 60 13.42 9.88 12.38
CA THR A 60 12.74 10.81 11.48
C THR A 60 13.81 11.52 10.68
N ILE A 61 13.54 11.70 9.39
CA ILE A 61 14.55 12.19 8.46
C ILE A 61 13.98 13.38 7.71
N GLN A 62 14.61 14.56 7.87
CA GLN A 62 14.30 15.72 7.11
C GLN A 62 14.96 15.51 5.74
N THR A 63 14.15 15.29 4.70
CA THR A 63 14.71 14.87 3.41
C THR A 63 15.07 15.98 2.45
N GLY A 64 14.74 17.22 2.77
CA GLY A 64 14.94 18.35 1.89
C GLY A 64 15.79 19.39 2.59
N SER A 65 15.56 20.64 2.27
CA SER A 65 16.30 21.74 2.87
C SER A 65 16.32 21.70 4.40
N SER A 66 17.41 22.00 5.08
CA SER A 66 17.59 22.34 6.47
C SER A 66 16.58 23.33 7.03
N ASN A 67 16.17 24.26 6.25
CA ASN A 67 15.27 25.32 6.53
C ASN A 67 13.87 24.97 6.05
N GLY A 68 13.63 23.74 5.65
CA GLY A 68 12.31 23.37 5.23
C GLY A 68 11.27 23.35 6.36
N ASP A 69 10.03 23.19 5.97
CA ASP A 69 8.89 23.08 6.85
C ASP A 69 8.55 21.62 7.06
N TYR A 70 8.93 21.13 8.23
CA TYR A 70 8.62 19.76 8.67
C TYR A 70 7.66 19.79 9.85
N SER A 71 6.83 20.83 9.97
CA SER A 71 5.84 20.83 11.00
C SER A 71 4.84 19.73 10.75
N ASP A 72 4.15 19.33 11.82
CA ASP A 72 3.10 18.34 11.64
C ASP A 72 1.95 18.90 10.85
N ASP A 73 1.49 18.13 9.88
CA ASP A 73 0.18 18.35 9.25
C ASP A 73 -0.81 17.60 10.16
N GLN A 74 -1.73 18.31 10.80
CA GLN A 74 -2.53 17.66 11.84
C GLN A 74 -3.39 16.53 11.28
N GLN A 75 -4.11 16.75 10.18
CA GLN A 75 -4.89 15.67 9.59
C GLN A 75 -3.99 14.55 9.09
N GLY A 76 -2.79 14.91 8.61
CA GLY A 76 -1.85 13.95 8.11
C GLY A 76 -1.37 12.99 9.20
N GLN A 77 -1.34 13.42 10.48
CA GLN A 77 -0.90 12.50 11.52
C GLN A 77 -1.71 11.23 11.51
N GLY A 78 -3.01 11.31 11.25
CA GLY A 78 -3.84 10.10 11.20
C GLY A 78 -3.42 9.15 10.09
N GLU A 79 -2.99 9.72 8.94
CA GLU A 79 -2.45 8.88 7.88
C GLU A 79 -1.14 8.22 8.25
N TRP A 80 -0.19 8.96 8.87
CA TRP A 80 1.06 8.34 9.26
C TRP A 80 0.85 7.34 10.38
N ASP A 81 -0.19 7.56 11.19
CA ASP A 81 -0.62 6.63 12.23
C ASP A 81 -1.15 5.34 11.62
N LEU A 82 -2.05 5.46 10.64
CA LEU A 82 -2.56 4.30 9.91
C LEU A 82 -1.38 3.51 9.37
N ASP A 83 -0.43 4.22 8.75
CA ASP A 83 0.67 3.54 8.08
C ASP A 83 1.51 2.78 9.07
N SER A 84 1.99 3.52 10.12
CA SER A 84 2.94 2.94 11.05
C SER A 84 2.30 1.85 11.91
N GLN A 85 1.11 2.05 12.43
CA GLN A 85 0.50 1.02 13.27
C GLN A 85 0.14 -0.20 12.45
N SER A 86 -0.31 -0.02 11.21
CA SER A 86 -0.65 -1.17 10.37
C SER A 86 0.59 -1.93 9.96
N ILE A 87 1.68 -1.26 9.66
CA ILE A 87 2.94 -1.94 9.37
C ILE A 87 3.35 -2.79 10.57
N VAL A 88 3.41 -2.16 11.77
CA VAL A 88 3.96 -2.88 12.92
C VAL A 88 3.06 -4.05 13.28
N GLY A 89 1.72 -3.85 13.25
CA GLY A 89 0.82 -4.97 13.50
C GLY A 89 1.00 -6.12 12.50
N SER A 90 1.01 -5.76 11.20
CA SER A 90 1.14 -6.77 10.18
C SER A 90 2.47 -7.51 10.25
N ALA A 91 3.51 -6.81 10.66
CA ALA A 91 4.84 -7.34 10.83
C ALA A 91 4.97 -8.30 12.01
N GLY A 92 3.87 -8.49 12.76
CA GLY A 92 3.97 -9.37 13.92
C GLY A 92 4.42 -8.63 15.18
N GLY A 93 4.37 -7.30 15.17
CA GLY A 93 4.69 -6.57 16.37
C GLY A 93 6.13 -6.11 16.47
N ALA A 94 6.97 -6.30 15.49
CA ALA A 94 8.41 -5.95 15.57
C ALA A 94 8.91 -5.63 14.18
N VAL A 95 9.66 -4.54 14.08
CA VAL A 95 10.42 -4.15 12.90
C VAL A 95 11.81 -3.77 13.39
N GLN A 96 12.83 -3.89 12.58
CA GLN A 96 14.15 -3.51 13.04
C GLN A 96 14.22 -2.04 13.42
N GLN A 97 13.71 -1.22 12.53
CA GLN A 97 13.64 0.22 12.72
C GLN A 97 12.54 0.70 11.77
N LEU A 98 11.82 1.75 12.14
CA LEU A 98 10.90 2.44 11.29
C LEU A 98 11.43 3.83 11.00
N LEU A 99 11.68 4.12 9.75
CA LEU A 99 12.25 5.36 9.29
C LEU A 99 11.15 6.21 8.64
N PHE A 100 10.92 7.40 9.14
CA PHE A 100 9.97 8.34 8.59
C PHE A 100 10.72 9.33 7.72
N TYR A 101 10.54 9.21 6.39
CA TYR A 101 11.16 10.08 5.40
C TYR A 101 10.20 11.22 5.14
N MET A 102 10.44 12.36 5.79
CA MET A 102 9.52 13.48 5.79
C MET A 102 9.80 14.42 4.65
N ALA A 103 8.77 14.67 3.83
CA ALA A 103 8.84 15.65 2.77
C ALA A 103 8.69 17.07 3.30
N ASP A 104 9.54 17.95 2.82
CA ASP A 104 9.44 19.37 3.09
C ASP A 104 8.14 19.95 2.57
N GLN A 105 7.38 20.67 3.36
CA GLN A 105 6.09 21.25 2.95
C GLN A 105 6.15 22.61 2.27
N SER A 106 7.34 23.21 2.27
CA SER A 106 7.47 24.56 1.76
C SER A 106 8.34 24.59 0.48
N ALA A 107 8.57 23.42 -0.11
CA ALA A 107 9.35 23.29 -1.33
C ALA A 107 8.43 23.53 -2.54
N SER A 108 9.06 23.87 -3.66
CA SER A 108 8.28 24.22 -4.87
C SER A 108 7.68 22.96 -5.45
N GLY A 109 6.52 23.09 -6.09
CA GLY A 109 5.93 21.98 -6.77
C GLY A 109 5.74 20.73 -5.89
N ASN A 110 6.05 19.61 -6.52
CA ASN A 110 6.12 18.35 -5.85
C ASN A 110 7.55 17.95 -5.45
N THR A 111 8.44 18.95 -5.43
CA THR A 111 9.86 18.62 -5.17
C THR A 111 10.07 18.16 -3.73
N GLY A 112 9.28 18.55 -2.78
CA GLY A 112 9.48 18.00 -1.41
C GLY A 112 9.26 16.50 -1.39
N LEU A 113 8.17 16.05 -1.99
CA LEU A 113 7.87 14.62 -2.07
C LEU A 113 8.94 13.87 -2.87
N THR A 114 9.35 14.44 -4.04
CA THR A 114 10.40 13.80 -4.81
C THR A 114 11.68 13.62 -4.01
N GLN A 115 12.06 14.63 -3.24
CA GLN A 115 13.26 14.54 -2.39
C GLN A 115 13.09 13.48 -1.30
N ALA A 116 11.87 13.28 -0.79
CA ALA A 116 11.68 12.24 0.21
C ALA A 116 11.91 10.86 -0.41
N PHE A 117 11.36 10.60 -1.59
CA PHE A 117 11.66 9.36 -2.29
C PHE A 117 13.15 9.21 -2.52
N ASN A 118 13.74 10.30 -3.02
CA ASN A 118 15.19 10.27 -3.33
C ASN A 118 16.01 9.92 -2.11
N GLN A 119 15.68 10.49 -0.94
CA GLN A 119 16.48 10.21 0.23
C GLN A 119 16.41 8.74 0.61
N ALA A 120 15.20 8.15 0.54
CA ALA A 120 15.04 6.76 0.91
C ALA A 120 15.88 5.88 0.00
N VAL A 121 15.95 6.18 -1.30
CA VAL A 121 16.74 5.41 -2.26
C VAL A 121 18.21 5.64 -2.08
N SER A 122 18.64 6.91 -1.92
CA SER A 122 20.04 7.18 -1.76
C SER A 122 20.60 6.56 -0.50
N ASP A 123 19.85 6.67 0.61
CA ASP A 123 20.32 6.06 1.83
C ASP A 123 20.42 4.55 1.72
N ASN A 124 19.46 3.94 1.08
CA ASN A 124 19.44 2.50 0.84
C ASN A 124 19.63 1.71 2.13
N VAL A 125 18.86 2.10 3.16
CA VAL A 125 18.84 1.42 4.43
C VAL A 125 17.53 0.64 4.65
N ALA A 126 16.41 1.17 4.19
CA ALA A 126 15.12 0.50 4.31
C ALA A 126 14.96 -0.47 3.17
N LYS A 127 14.60 -1.71 3.47
CA LYS A 127 14.37 -2.71 2.45
C LYS A 127 12.99 -2.54 1.78
N VAL A 128 12.03 -2.04 2.53
CA VAL A 128 10.64 -1.89 2.11
C VAL A 128 10.21 -0.49 2.52
N ILE A 129 9.54 0.23 1.65
CA ILE A 129 9.12 1.62 1.91
C ILE A 129 7.65 1.76 1.55
N ASN A 130 6.85 2.27 2.49
CA ASN A 130 5.44 2.51 2.29
C ASN A 130 5.16 3.90 1.74
N VAL A 131 4.25 3.93 0.76
CA VAL A 131 3.79 5.17 0.15
C VAL A 131 2.27 5.15 0.09
N SER A 132 1.61 5.62 1.15
CA SER A 132 0.15 5.67 1.22
C SER A 132 -0.38 7.02 0.71
N LEU A 133 -0.05 7.30 -0.59
CA LEU A 133 -0.29 8.61 -1.15
C LEU A 133 -0.31 8.51 -2.67
N GLY A 134 -0.92 9.49 -3.32
CA GLY A 134 -0.91 9.55 -4.75
C GLY A 134 -1.94 10.52 -5.26
N TRP A 135 -1.91 10.70 -6.59
CA TRP A 135 -2.86 11.61 -7.25
C TRP A 135 -2.87 11.28 -8.72
N CYS A 136 -3.77 11.89 -9.48
CA CYS A 136 -3.92 11.67 -10.90
C CYS A 136 -2.60 11.57 -11.65
N GLU A 137 -2.32 10.45 -12.35
CA GLU A 137 -1.03 10.30 -13.00
C GLU A 137 -0.86 11.33 -14.11
N ALA A 138 -1.92 11.77 -14.75
CA ALA A 138 -1.83 12.74 -15.84
C ALA A 138 -1.36 14.08 -15.35
N ASP A 139 -1.70 14.45 -14.12
CA ASP A 139 -1.22 15.68 -13.51
C ASP A 139 0.26 15.54 -13.22
N ALA A 140 0.66 14.39 -12.64
CA ALA A 140 2.09 14.15 -12.39
C ALA A 140 2.88 14.17 -13.67
N ASN A 141 2.31 13.63 -14.73
CA ASN A 141 3.02 13.65 -16.00
C ASN A 141 3.16 15.05 -16.57
N ALA A 142 2.14 15.86 -16.43
CA ALA A 142 2.08 17.19 -17.08
C ALA A 142 3.13 18.12 -16.56
N ASP A 143 3.55 17.97 -15.30
CA ASP A 143 4.48 18.93 -14.70
C ASP A 143 5.89 18.32 -14.49
N GLY A 144 6.13 17.14 -15.01
CA GLY A 144 7.41 16.50 -14.94
C GLY A 144 7.69 15.66 -13.70
N THR A 145 6.70 15.66 -12.80
CA THR A 145 6.88 14.91 -11.55
C THR A 145 7.04 13.42 -11.82
N LEU A 146 6.23 12.90 -12.73
CA LEU A 146 6.23 11.49 -13.05
C LEU A 146 7.63 11.10 -13.48
N GLN A 147 8.19 11.80 -14.44
CA GLN A 147 9.48 11.43 -14.98
C GLN A 147 10.57 11.50 -13.93
N ALA A 148 10.56 12.54 -13.13
CA ALA A 148 11.59 12.69 -12.11
C ALA A 148 11.52 11.55 -11.06
N GLU A 149 10.30 11.26 -10.65
CA GLU A 149 10.15 10.25 -9.59
C GLU A 149 10.36 8.87 -10.11
N ASP A 150 9.98 8.60 -11.39
CA ASP A 150 10.17 7.24 -11.91
C ASP A 150 11.65 6.87 -11.93
N ARG A 151 12.53 7.85 -12.20
CA ARG A 151 13.96 7.59 -12.19
C ARG A 151 14.43 7.06 -10.82
N ILE A 152 13.88 7.65 -9.77
CA ILE A 152 14.21 7.28 -8.40
C ILE A 152 13.70 5.87 -8.10
N PHE A 153 12.46 5.59 -8.47
CA PHE A 153 11.94 4.23 -8.24
C PHE A 153 12.70 3.18 -9.05
N ALA A 154 13.12 3.53 -10.25
CA ALA A 154 13.94 2.62 -11.04
C ALA A 154 15.24 2.28 -10.30
N THR A 155 15.88 3.28 -9.70
CA THR A 155 17.09 3.02 -8.90
C THR A 155 16.76 2.11 -7.71
N ALA A 156 15.63 2.36 -7.04
CA ALA A 156 15.21 1.52 -5.93
C ALA A 156 15.12 0.06 -6.35
N ALA A 157 14.37 -0.19 -7.43
CA ALA A 157 14.17 -1.58 -7.86
C ALA A 157 15.51 -2.23 -8.17
N ALA A 158 16.41 -1.51 -8.82
CA ALA A 158 17.71 -2.08 -9.19
C ALA A 158 18.54 -2.39 -7.98
N GLN A 159 18.36 -1.64 -6.89
CA GLN A 159 19.03 -1.82 -5.59
C GLN A 159 18.38 -2.91 -4.76
N GLY A 160 17.23 -3.45 -5.18
CA GLY A 160 16.55 -4.48 -4.42
C GLY A 160 15.60 -3.97 -3.37
N GLN A 161 15.25 -2.69 -3.39
CA GLN A 161 14.26 -2.12 -2.47
C GLN A 161 12.86 -2.26 -3.07
N THR A 162 11.89 -2.51 -2.19
CA THR A 162 10.48 -2.55 -2.51
C THR A 162 9.77 -1.30 -2.04
N PHE A 163 9.34 -0.43 -2.95
CA PHE A 163 8.35 0.58 -2.68
C PHE A 163 6.96 -0.05 -2.90
N SER A 164 6.11 0.11 -1.90
CA SER A 164 4.70 -0.27 -1.91
C SER A 164 3.87 0.95 -1.94
N VAL A 165 2.94 1.04 -2.91
CA VAL A 165 2.21 2.26 -3.17
C VAL A 165 0.73 1.95 -3.27
N SER A 166 -0.09 2.65 -2.47
CA SER A 166 -1.53 2.57 -2.52
C SER A 166 -2.06 2.93 -3.94
N SER A 167 -3.03 2.15 -4.42
CA SER A 167 -3.55 2.37 -5.76
C SER A 167 -4.49 3.56 -5.87
N GLY A 168 -5.10 3.99 -4.79
CA GLY A 168 -6.05 5.08 -4.78
C GLY A 168 -7.40 4.73 -4.16
N ASP A 169 -8.15 5.75 -3.84
CA ASP A 169 -9.38 5.67 -3.09
C ASP A 169 -10.58 6.17 -3.88
N GLU A 170 -10.40 6.37 -5.18
CA GLU A 170 -11.36 7.07 -6.04
C GLU A 170 -11.93 6.10 -7.07
N GLY A 171 -11.72 4.81 -6.87
CA GLY A 171 -12.05 3.86 -7.92
C GLY A 171 -11.40 4.24 -9.22
N VAL A 172 -12.10 4.06 -10.33
CA VAL A 172 -11.68 4.44 -11.67
C VAL A 172 -11.65 5.96 -11.89
N TYR A 173 -12.10 6.79 -10.98
CA TYR A 173 -12.31 8.21 -11.22
C TYR A 173 -11.23 9.08 -10.58
N GLU A 174 -9.97 8.61 -10.59
CA GLU A 174 -8.89 9.36 -9.94
C GLU A 174 -8.73 10.77 -10.46
N CYS A 175 -8.79 10.92 -11.80
CA CYS A 175 -8.47 12.19 -12.43
C CYS A 175 -9.67 13.14 -12.51
N ASN A 176 -10.85 12.72 -12.14
CA ASN A 176 -12.06 13.56 -12.20
C ASN A 176 -12.24 14.27 -10.88
N ASN A 177 -11.41 15.27 -10.62
CA ASN A 177 -11.41 15.97 -9.34
C ASN A 177 -11.32 15.02 -8.15
N ARG A 178 -10.45 14.01 -8.28
CA ARG A 178 -10.17 13.07 -7.22
C ARG A 178 -11.45 12.40 -6.75
N GLY A 179 -12.11 11.68 -7.68
CA GLY A 179 -13.14 10.68 -7.35
C GLY A 179 -14.59 11.00 -7.66
N TYR A 180 -14.88 12.06 -8.43
CA TYR A 180 -16.27 12.30 -8.80
C TYR A 180 -16.65 11.40 -9.96
N PRO A 181 -17.82 10.74 -9.88
CA PRO A 181 -18.26 9.87 -10.96
C PRO A 181 -18.20 10.53 -12.32
N ASP A 182 -17.63 9.76 -13.26
CA ASP A 182 -17.42 10.27 -14.61
C ASP A 182 -17.74 9.25 -15.68
N GLY A 183 -18.79 8.43 -15.46
CA GLY A 183 -19.24 7.56 -16.53
C GLY A 183 -18.15 6.57 -16.91
N SER A 184 -17.87 6.52 -18.21
CA SER A 184 -16.94 5.59 -18.75
C SER A 184 -15.51 6.09 -18.79
N THR A 185 -15.23 7.26 -18.21
CA THR A 185 -13.88 7.85 -18.23
C THR A 185 -13.08 7.38 -17.03
N TYR A 186 -12.08 6.55 -17.27
CA TYR A 186 -11.31 5.89 -16.24
C TYR A 186 -9.88 6.35 -16.24
N SER A 187 -9.25 6.38 -15.06
CA SER A 187 -7.90 6.91 -14.88
C SER A 187 -7.27 6.25 -13.68
N VAL A 188 -5.97 6.48 -13.49
CA VAL A 188 -5.22 5.83 -12.38
C VAL A 188 -4.31 6.86 -11.72
N SER A 189 -3.80 6.41 -10.55
CA SER A 189 -2.93 7.22 -9.71
C SER A 189 -1.45 6.99 -9.97
N TRP A 190 -0.69 8.04 -9.70
CA TRP A 190 0.75 8.09 -9.55
C TRP A 190 1.09 8.29 -8.08
N PRO A 191 2.09 7.63 -7.49
CA PRO A 191 3.07 6.78 -8.16
C PRO A 191 2.66 5.32 -8.32
N ALA A 192 1.41 4.92 -8.02
CA ALA A 192 1.06 3.50 -8.18
C ALA A 192 1.30 2.97 -9.60
N SER A 193 1.14 3.86 -10.61
CA SER A 193 1.25 3.39 -11.99
C SER A 193 2.70 3.15 -12.42
N SER A 194 3.69 3.50 -11.60
CA SER A 194 5.07 3.15 -11.96
C SER A 194 5.27 1.65 -12.01
N PRO A 195 6.00 1.12 -12.99
CA PRO A 195 6.33 -0.30 -13.04
C PRO A 195 7.42 -0.68 -12.04
N ASN A 196 8.04 0.25 -11.39
CA ASN A 196 9.12 0.14 -10.44
C ASN A 196 8.68 0.10 -8.97
N VAL A 197 7.35 0.03 -8.74
CA VAL A 197 6.79 -0.07 -7.40
C VAL A 197 5.78 -1.24 -7.41
N ILE A 198 5.43 -1.73 -6.24
CA ILE A 198 4.31 -2.65 -6.08
C ILE A 198 3.08 -1.82 -5.78
N ALA A 199 2.07 -1.87 -6.66
CA ALA A 199 0.82 -1.15 -6.47
C ALA A 199 -0.15 -2.04 -5.68
N VAL A 200 -0.75 -1.49 -4.64
CA VAL A 200 -1.59 -2.26 -3.73
C VAL A 200 -3.00 -1.67 -3.70
N GLY A 201 -3.95 -2.48 -4.14
CA GLY A 201 -5.35 -2.12 -4.13
C GLY A 201 -6.06 -2.60 -2.87
N GLY A 202 -7.41 -2.52 -2.93
CA GLY A 202 -8.23 -2.59 -1.73
C GLY A 202 -9.38 -3.55 -1.78
N THR A 203 -9.59 -4.23 -0.66
CA THR A 203 -10.67 -5.18 -0.49
C THR A 203 -11.62 -4.79 0.63
N THR A 204 -12.78 -5.41 0.63
CA THR A 204 -13.69 -5.50 1.77
C THR A 204 -13.45 -6.84 2.38
N LEU A 205 -13.04 -6.90 3.62
CA LEU A 205 -12.57 -8.02 4.36
C LEU A 205 -13.65 -8.54 5.31
N TYR A 206 -14.00 -9.81 5.12
CA TYR A 206 -14.93 -10.49 6.00
C TYR A 206 -14.19 -11.55 6.80
N THR A 207 -14.48 -11.64 8.11
CA THR A 207 -13.87 -12.60 9.00
C THR A 207 -14.93 -13.45 9.66
N THR A 208 -14.51 -14.61 10.14
CA THR A 208 -15.42 -15.50 10.84
C THR A 208 -15.55 -15.07 12.28
N SER A 209 -16.45 -15.72 13.02
CA SER A 209 -16.68 -15.28 14.40
C SER A 209 -15.44 -15.58 15.21
N ALA A 210 -14.64 -16.53 14.83
CA ALA A 210 -13.38 -16.84 15.53
C ALA A 210 -12.24 -15.95 15.08
N GLY A 211 -12.46 -15.06 14.11
CA GLY A 211 -11.52 -14.09 13.64
C GLY A 211 -10.69 -14.56 12.50
N ALA A 212 -11.02 -15.70 11.93
CA ALA A 212 -10.29 -16.16 10.77
C ALA A 212 -10.70 -15.48 9.50
N TYR A 213 -9.85 -15.56 8.48
CA TYR A 213 -10.25 -15.09 7.16
C TYR A 213 -11.52 -15.79 6.71
N SER A 214 -12.47 -15.06 6.17
CA SER A 214 -13.65 -15.64 5.53
C SER A 214 -13.61 -15.40 4.03
N ASN A 215 -13.64 -14.12 3.60
CA ASN A 215 -13.65 -13.80 2.20
C ASN A 215 -13.32 -12.33 2.03
N GLU A 216 -12.96 -11.97 0.81
CA GLU A 216 -12.75 -10.59 0.40
C GLU A 216 -13.50 -10.28 -0.88
N THR A 217 -14.14 -9.13 -0.93
CA THR A 217 -14.74 -8.57 -2.14
C THR A 217 -14.02 -7.29 -2.52
N VAL A 218 -14.32 -6.68 -3.66
CA VAL A 218 -13.74 -5.41 -4.02
C VAL A 218 -14.11 -4.37 -2.97
N TRP A 219 -13.19 -3.46 -2.63
CA TRP A 219 -13.56 -2.26 -1.85
C TRP A 219 -14.33 -1.29 -2.75
N ASN A 220 -15.59 -1.08 -2.43
CA ASN A 220 -16.39 -0.04 -3.03
C ASN A 220 -17.52 0.35 -2.04
N GLU A 221 -17.34 1.48 -1.39
CA GLU A 221 -18.30 1.98 -0.41
C GLU A 221 -19.17 3.08 -0.97
N GLY A 222 -19.21 3.26 -2.28
CA GLY A 222 -20.11 4.20 -2.86
C GLY A 222 -19.76 5.62 -2.61
N LEU A 223 -20.74 6.48 -2.74
CA LEU A 223 -20.47 7.92 -2.64
C LEU A 223 -20.63 8.45 -1.23
N ASP A 224 -19.79 9.41 -0.87
CA ASP A 224 -19.99 10.13 0.37
C ASP A 224 -20.98 11.27 0.20
N SER A 225 -21.20 12.07 1.22
CA SER A 225 -22.20 13.13 1.16
C SER A 225 -21.83 14.26 0.20
N ASN A 226 -20.58 14.33 -0.24
CA ASN A 226 -20.16 15.28 -1.26
C ASN A 226 -20.37 14.74 -2.68
N GLY A 227 -20.72 13.46 -2.81
CA GLY A 227 -20.82 12.83 -4.12
C GLY A 227 -19.52 12.22 -4.61
N LYS A 228 -18.49 12.06 -3.79
CA LYS A 228 -17.24 11.44 -4.14
C LYS A 228 -17.25 9.94 -3.92
N LEU A 229 -16.74 9.19 -4.88
CA LEU A 229 -16.64 7.74 -4.77
C LEU A 229 -15.47 7.32 -3.88
N TRP A 230 -15.71 6.32 -3.05
CA TRP A 230 -14.69 5.65 -2.21
C TRP A 230 -14.61 4.21 -2.62
N ALA A 231 -13.53 3.89 -3.37
CA ALA A 231 -13.34 2.54 -3.93
C ALA A 231 -11.88 2.37 -4.34
N THR A 232 -11.49 1.11 -4.51
CA THR A 232 -10.12 0.80 -4.86
C THR A 232 -9.73 1.31 -6.23
N GLY A 233 -8.57 1.98 -6.31
CA GLY A 233 -7.99 2.36 -7.57
C GLY A 233 -7.55 1.14 -8.35
N GLY A 234 -7.75 1.13 -9.65
CA GLY A 234 -7.29 0.04 -10.50
C GLY A 234 -7.60 0.35 -11.94
N GLY A 235 -6.79 -0.19 -12.84
CA GLY A 235 -6.90 0.14 -14.27
C GLY A 235 -5.53 -0.06 -14.88
N TYR A 236 -5.19 0.82 -15.81
CA TYR A 236 -3.85 0.73 -16.44
C TYR A 236 -3.33 2.13 -16.62
N SER A 237 -2.01 2.29 -16.65
CA SER A 237 -1.43 3.61 -16.94
C SER A 237 -1.66 3.96 -18.42
N VAL A 238 -1.88 5.27 -18.66
CA VAL A 238 -1.90 5.71 -20.06
C VAL A 238 -0.48 5.95 -20.58
N TYR A 239 0.49 6.06 -19.72
CA TYR A 239 1.84 6.41 -20.09
C TYR A 239 2.82 5.27 -20.01
N GLU A 240 2.83 4.53 -18.89
CA GLU A 240 3.82 3.51 -18.65
C GLU A 240 3.53 2.26 -19.47
N SER A 241 4.53 1.78 -20.17
CA SER A 241 4.39 0.54 -20.93
C SER A 241 4.32 -0.65 -20.01
N LYS A 242 3.76 -1.74 -20.50
CA LYS A 242 3.65 -2.96 -19.72
C LYS A 242 5.02 -3.57 -19.46
N PRO A 243 5.38 -3.81 -18.23
CA PRO A 243 6.63 -4.59 -17.97
C PRO A 243 6.35 -6.01 -18.36
N SER A 244 7.38 -6.70 -18.87
CA SER A 244 7.10 -7.96 -19.57
C SER A 244 6.53 -9.01 -18.65
N TRP A 245 6.77 -8.99 -17.33
CA TRP A 245 6.19 -10.00 -16.46
C TRP A 245 4.68 -9.94 -16.43
N GLN A 246 4.08 -8.80 -16.78
CA GLN A 246 2.62 -8.69 -16.80
C GLN A 246 1.98 -9.35 -18.02
N SER A 247 2.81 -9.84 -18.95
CA SER A 247 2.29 -10.48 -20.16
C SER A 247 1.46 -11.69 -19.82
N VAL A 248 1.66 -12.28 -18.66
CA VAL A 248 0.83 -13.42 -18.27
C VAL A 248 -0.64 -13.07 -18.10
N VAL A 249 -0.99 -11.78 -18.01
CA VAL A 249 -2.43 -11.39 -17.97
C VAL A 249 -2.80 -11.09 -19.39
N SER A 250 -3.27 -12.06 -20.14
CA SER A 250 -3.56 -11.85 -21.58
C SER A 250 -4.77 -11.01 -21.79
N GLY A 251 -4.82 -10.33 -22.90
CA GLY A 251 -6.02 -9.57 -23.29
C GLY A 251 -6.12 -8.20 -22.63
N THR A 252 -4.97 -7.64 -22.28
CA THR A 252 -4.86 -6.34 -21.65
C THR A 252 -3.97 -5.44 -22.53
N PRO A 253 -4.07 -4.11 -22.39
CA PRO A 253 -3.27 -3.22 -23.23
C PRO A 253 -1.79 -3.32 -22.91
N GLY A 254 -0.98 -2.72 -23.79
CA GLY A 254 0.46 -2.68 -23.61
C GLY A 254 0.95 -1.63 -22.64
N ARG A 255 0.30 -1.59 -21.47
CA ARG A 255 0.50 -0.60 -20.44
C ARG A 255 0.69 -1.29 -19.09
N ARG A 256 1.25 -0.57 -18.14
CA ARG A 256 1.37 -1.05 -16.77
C ARG A 256 -0.02 -1.19 -16.18
N LEU A 257 -0.39 -2.41 -15.83
CA LEU A 257 -1.69 -2.76 -15.24
C LEU A 257 -1.60 -2.63 -13.74
N LEU A 258 -2.60 -2.16 -13.05
CA LEU A 258 -2.51 -2.03 -11.57
C LEU A 258 -3.85 -2.24 -10.99
N PRO A 259 -3.95 -2.65 -9.70
CA PRO A 259 -2.85 -2.95 -8.80
C PRO A 259 -2.23 -4.30 -9.08
N ASP A 260 -1.14 -4.60 -8.39
CA ASP A 260 -0.53 -5.91 -8.43
C ASP A 260 -1.21 -6.89 -7.50
N ILE A 261 -1.48 -6.46 -6.28
CA ILE A 261 -2.05 -7.23 -5.18
C ILE A 261 -2.94 -6.29 -4.39
N SER A 262 -3.75 -6.80 -3.48
CA SER A 262 -4.65 -6.01 -2.66
C SER A 262 -4.81 -6.58 -1.29
N PHE A 263 -5.14 -5.73 -0.33
CA PHE A 263 -5.44 -6.11 1.05
C PHE A 263 -6.60 -5.23 1.55
N ASP A 264 -6.97 -5.45 2.80
CA ASP A 264 -8.08 -4.73 3.40
C ASP A 264 -7.98 -3.21 3.17
N ALA A 265 -9.11 -2.63 2.75
CA ALA A 265 -9.22 -1.19 2.54
C ALA A 265 -10.60 -0.62 2.93
N ALA A 266 -11.67 -1.38 3.02
CA ALA A 266 -12.96 -0.76 3.29
C ALA A 266 -12.94 -0.12 4.66
N GLN A 267 -13.49 1.09 4.80
CA GLN A 267 -13.60 1.66 6.10
C GLN A 267 -14.40 0.76 7.02
N GLY A 268 -15.49 0.21 6.51
CA GLY A 268 -16.37 -0.66 7.28
C GLY A 268 -15.70 -1.94 7.76
N THR A 269 -14.54 -2.30 7.21
CA THR A 269 -13.78 -3.45 7.64
C THR A 269 -12.33 -3.05 7.98
N GLY A 270 -12.14 -1.79 8.29
CA GLY A 270 -10.81 -1.18 8.37
C GLY A 270 -10.08 -1.41 9.68
N ALA A 271 -9.02 -0.66 9.86
CA ALA A 271 -8.15 -0.81 11.03
C ALA A 271 -8.56 0.16 12.14
N LEU A 272 -8.42 -0.31 13.38
CA LEU A 272 -8.57 0.55 14.57
C LEU A 272 -7.24 1.20 14.87
N ILE A 273 -7.15 2.50 14.73
CA ILE A 273 -5.93 3.26 14.74
C ILE A 273 -6.00 4.37 15.79
N TYR A 274 -4.95 4.53 16.58
CA TYR A 274 -4.85 5.66 17.53
C TYR A 274 -4.44 6.94 16.76
N ASN A 275 -5.23 7.99 16.83
CA ASN A 275 -5.01 9.22 16.10
C ASN A 275 -5.22 10.37 17.08
N TYR A 276 -4.20 11.11 17.46
CA TYR A 276 -4.31 12.15 18.49
C TYR A 276 -4.94 11.53 19.73
N GLY A 277 -4.51 10.29 20.05
CA GLY A 277 -4.95 9.63 21.27
C GLY A 277 -6.28 8.92 21.19
N GLN A 278 -7.06 9.09 20.13
CA GLN A 278 -8.40 8.54 20.03
C GLN A 278 -8.41 7.44 18.99
N LEU A 279 -9.09 6.35 19.29
CA LEU A 279 -9.22 5.24 18.37
C LEU A 279 -10.25 5.55 17.32
N GLN A 280 -9.87 5.38 16.08
CA GLN A 280 -10.73 5.57 14.92
C GLN A 280 -10.64 4.38 14.00
N GLN A 281 -11.70 4.09 13.29
CA GLN A 281 -11.69 2.99 12.32
C GLN A 281 -11.45 3.59 10.94
N ILE A 282 -10.31 3.24 10.33
CA ILE A 282 -9.80 3.89 9.16
C ILE A 282 -9.51 2.86 8.08
N GLY A 283 -9.92 3.15 6.87
CA GLY A 283 -9.58 2.34 5.71
C GLY A 283 -8.82 3.12 4.65
N GLY A 284 -9.06 2.74 3.41
CA GLY A 284 -8.36 3.22 2.25
C GLY A 284 -7.35 2.25 1.74
N THR A 285 -6.92 2.45 0.48
CA THR A 285 -5.73 1.73 0.01
C THR A 285 -4.49 2.18 0.79
N SER A 286 -4.59 3.28 1.53
CA SER A 286 -3.59 3.67 2.51
C SER A 286 -3.45 2.70 3.68
N LEU A 287 -4.45 1.86 3.93
CA LEU A 287 -4.37 0.72 4.85
C LEU A 287 -3.75 -0.48 4.15
N ALA A 288 -4.23 -0.76 2.96
CA ALA A 288 -3.79 -1.97 2.27
C ALA A 288 -2.31 -2.01 2.03
N SER A 289 -1.71 -0.89 1.61
CA SER A 289 -0.29 -0.83 1.37
C SER A 289 0.53 -1.13 2.65
N PRO A 290 0.27 -0.49 3.77
CA PRO A 290 1.04 -0.86 4.99
C PRO A 290 0.83 -2.28 5.42
N ILE A 291 -0.34 -2.89 5.20
CA ILE A 291 -0.48 -4.31 5.49
C ILE A 291 0.54 -5.09 4.64
N PHE A 292 0.57 -4.84 3.34
CA PHE A 292 1.56 -5.51 2.49
C PHE A 292 2.97 -5.26 2.99
N VAL A 293 3.30 -4.02 3.31
CA VAL A 293 4.64 -3.68 3.74
C VAL A 293 5.07 -4.50 4.98
N GLY A 294 4.19 -4.55 5.99
CA GLY A 294 4.56 -5.33 7.16
C GLY A 294 4.71 -6.80 6.89
N LEU A 295 3.79 -7.37 6.09
CA LEU A 295 3.86 -8.79 5.75
C LEU A 295 5.10 -9.11 4.92
N TRP A 296 5.38 -8.26 3.94
CA TRP A 296 6.56 -8.44 3.07
C TRP A 296 7.85 -8.33 3.88
N ALA A 297 7.86 -7.39 4.86
CA ALA A 297 9.05 -7.25 5.71
C ALA A 297 9.28 -8.52 6.53
N ARG A 298 8.23 -9.24 6.89
CA ARG A 298 8.42 -10.55 7.55
C ARG A 298 9.14 -11.52 6.64
N LEU A 299 8.70 -11.58 5.38
CA LEU A 299 9.34 -12.46 4.42
C LEU A 299 10.76 -12.06 4.15
N GLN A 300 11.07 -10.74 4.17
CA GLN A 300 12.44 -10.30 4.05
C GLN A 300 13.26 -10.82 5.23
N SER A 301 12.75 -10.63 6.45
CA SER A 301 13.50 -11.13 7.62
C SER A 301 13.66 -12.63 7.53
N ALA A 302 12.72 -13.39 7.00
CA ALA A 302 12.84 -14.86 6.87
C ALA A 302 13.92 -15.22 5.85
N ASN A 303 14.30 -14.30 4.99
CA ASN A 303 15.19 -14.54 3.86
C ASN A 303 16.42 -13.63 3.90
N SER A 304 16.80 -13.22 5.07
CA SER A 304 18.02 -12.42 5.26
C SER A 304 18.04 -11.17 4.41
N ASN A 305 16.86 -10.58 4.19
CA ASN A 305 16.73 -9.35 3.39
C ASN A 305 17.29 -9.52 2.00
N SER A 306 17.26 -10.73 1.46
CA SER A 306 17.85 -11.04 0.17
C SER A 306 16.87 -11.04 -0.97
N LEU A 307 15.59 -10.75 -0.72
CA LEU A 307 14.60 -10.78 -1.82
C LEU A 307 14.64 -9.45 -2.55
N GLY A 308 14.80 -9.50 -3.84
CA GLY A 308 14.82 -8.30 -4.64
C GLY A 308 13.47 -7.78 -4.92
N PHE A 309 13.37 -6.79 -5.80
CA PHE A 309 12.09 -6.21 -6.18
C PHE A 309 11.18 -7.31 -6.70
N PRO A 310 10.00 -7.56 -6.11
CA PRO A 310 9.35 -8.84 -6.36
C PRO A 310 8.31 -8.87 -7.46
N ALA A 311 8.14 -7.85 -8.28
CA ALA A 311 7.02 -7.82 -9.21
C ALA A 311 7.07 -9.02 -10.17
N ALA A 312 8.20 -9.26 -10.83
CA ALA A 312 8.23 -10.36 -11.80
C ALA A 312 7.93 -11.67 -11.12
N SER A 313 8.50 -11.90 -9.94
CA SER A 313 8.24 -13.14 -9.23
C SER A 313 6.78 -13.29 -8.82
N PHE A 314 6.12 -12.21 -8.37
CA PHE A 314 4.71 -12.31 -8.07
C PHE A 314 3.93 -12.76 -9.27
N TYR A 315 4.16 -12.19 -10.44
CA TYR A 315 3.34 -12.53 -11.59
C TYR A 315 3.65 -13.96 -12.04
N SER A 316 4.91 -14.41 -12.04
CA SER A 316 5.16 -15.79 -12.45
C SER A 316 4.64 -16.78 -11.44
N ALA A 317 4.87 -16.53 -10.15
CA ALA A 317 4.49 -17.45 -9.09
C ALA A 317 2.99 -17.55 -8.97
N ILE A 318 2.31 -16.38 -8.91
CA ILE A 318 0.86 -16.44 -8.67
C ILE A 318 0.12 -16.97 -9.88
N SER A 319 0.50 -16.58 -11.09
CA SER A 319 -0.17 -17.09 -12.27
C SER A 319 -0.06 -18.62 -12.33
N SER A 320 1.02 -19.21 -11.90
CA SER A 320 1.27 -20.63 -11.97
C SER A 320 0.77 -21.37 -10.70
N THR A 321 0.48 -20.63 -9.62
CA THR A 321 0.30 -21.15 -8.27
C THR A 321 -0.84 -20.41 -7.59
N PRO A 322 -2.09 -20.65 -8.05
CA PRO A 322 -3.21 -19.86 -7.50
C PRO A 322 -3.38 -20.01 -5.99
N SER A 323 -2.87 -21.05 -5.36
CA SER A 323 -2.99 -21.22 -3.92
C SER A 323 -2.24 -20.15 -3.14
N LEU A 324 -1.38 -19.36 -3.76
CA LEU A 324 -0.66 -18.31 -3.06
C LEU A 324 -1.52 -17.12 -2.72
N VAL A 325 -2.70 -16.98 -3.30
CA VAL A 325 -3.53 -15.80 -3.11
C VAL A 325 -4.95 -16.16 -2.74
N HIS A 326 -5.62 -15.16 -2.16
CA HIS A 326 -7.06 -15.11 -2.08
C HIS A 326 -7.55 -14.31 -3.29
N ASP A 327 -8.13 -15.02 -4.25
CA ASP A 327 -8.58 -14.42 -5.51
C ASP A 327 -9.90 -13.70 -5.27
N VAL A 328 -9.94 -12.40 -5.37
CA VAL A 328 -11.18 -11.63 -5.24
C VAL A 328 -11.96 -11.81 -6.53
N LYS A 329 -13.25 -12.11 -6.41
CA LYS A 329 -14.09 -12.41 -7.56
C LYS A 329 -15.32 -11.53 -7.67
N SER A 330 -15.72 -10.83 -6.59
CA SER A 330 -16.99 -10.11 -6.59
C SER A 330 -16.77 -8.62 -6.34
N GLY A 331 -17.43 -7.79 -7.15
CA GLY A 331 -17.50 -6.37 -6.96
C GLY A 331 -16.90 -5.60 -8.14
N ASN A 332 -16.97 -4.28 -8.01
CA ASN A 332 -16.60 -3.36 -9.07
C ASN A 332 -15.97 -2.12 -8.46
N ASN A 333 -15.15 -1.40 -9.24
CA ASN A 333 -14.53 -0.17 -8.72
C ASN A 333 -14.98 1.09 -9.43
N GLY A 334 -16.24 1.13 -9.87
CA GLY A 334 -16.85 2.35 -10.38
C GLY A 334 -18.13 2.70 -9.69
N TYR A 335 -19.04 3.30 -10.46
CA TYR A 335 -20.31 3.77 -9.96
C TYR A 335 -21.32 3.73 -11.10
N GLY A 336 -22.59 3.52 -10.80
CA GLY A 336 -23.62 3.71 -11.75
C GLY A 336 -23.59 2.69 -12.87
N GLY A 337 -23.02 1.53 -12.70
CA GLY A 337 -22.84 0.52 -13.72
C GLY A 337 -21.52 0.58 -14.47
N TYR A 338 -20.72 1.58 -14.24
CA TYR A 338 -19.42 1.78 -14.87
C TYR A 338 -18.35 1.22 -13.94
N GLY A 339 -17.13 1.17 -14.46
CA GLY A 339 -15.97 0.68 -13.72
C GLY A 339 -15.60 -0.71 -14.12
N TYR A 340 -14.51 -1.21 -13.57
CA TYR A 340 -14.07 -2.57 -13.80
C TYR A 340 -14.67 -3.55 -12.78
N ASN A 341 -14.83 -4.79 -13.19
CA ASN A 341 -15.39 -5.85 -12.35
C ASN A 341 -14.29 -6.82 -11.94
N ALA A 342 -14.37 -7.30 -10.71
CA ALA A 342 -13.52 -8.41 -10.31
C ALA A 342 -13.92 -9.67 -11.05
N GLY A 343 -13.01 -10.61 -11.09
CA GLY A 343 -13.29 -11.86 -11.76
C GLY A 343 -12.22 -12.88 -11.42
N THR A 344 -12.26 -14.03 -12.11
CA THR A 344 -11.30 -15.08 -11.86
C THR A 344 -9.90 -14.60 -12.20
N GLY A 345 -8.92 -14.82 -11.32
CA GLY A 345 -7.55 -14.45 -11.54
C GLY A 345 -7.33 -12.96 -11.47
N TRP A 346 -6.33 -12.43 -12.17
CA TRP A 346 -5.98 -11.03 -12.10
C TRP A 346 -7.14 -10.17 -12.60
N ASP A 347 -7.52 -9.12 -11.88
CA ASP A 347 -8.53 -8.19 -12.36
C ASP A 347 -8.12 -6.76 -12.05
N TYR A 348 -8.77 -5.79 -12.70
CA TYR A 348 -8.37 -4.40 -12.52
C TYR A 348 -8.71 -3.85 -11.13
N PRO A 349 -9.79 -4.25 -10.44
CA PRO A 349 -9.97 -3.66 -9.11
C PRO A 349 -8.93 -4.09 -8.09
N THR A 350 -8.47 -5.35 -8.17
CA THR A 350 -7.74 -5.95 -7.08
C THR A 350 -6.46 -6.64 -7.50
N GLY A 351 -6.11 -6.67 -8.77
CA GLY A 351 -4.92 -7.39 -9.20
C GLY A 351 -5.06 -8.87 -8.89
N TRP A 352 -4.02 -9.48 -8.31
CA TRP A 352 -4.08 -10.89 -7.96
C TRP A 352 -4.89 -11.17 -6.70
N GLY A 353 -5.30 -10.16 -5.96
CA GLY A 353 -5.92 -10.36 -4.67
C GLY A 353 -4.91 -10.30 -3.55
N SER A 354 -5.22 -10.86 -2.41
CA SER A 354 -4.36 -10.81 -1.24
C SER A 354 -3.49 -12.01 -1.14
N LEU A 355 -2.30 -11.85 -0.49
CA LEU A 355 -1.35 -12.92 -0.32
C LEU A 355 -1.67 -13.80 0.89
N ASP A 356 -1.49 -15.10 0.72
CA ASP A 356 -1.49 -16.06 1.83
C ASP A 356 -0.03 -16.22 2.21
N ILE A 357 0.37 -15.60 3.31
CA ILE A 357 1.80 -15.42 3.56
C ILE A 357 2.51 -16.73 3.84
N ALA A 358 1.96 -17.63 4.64
CA ALA A 358 2.68 -18.86 4.92
C ALA A 358 2.83 -19.67 3.65
N LYS A 359 1.85 -19.65 2.77
CA LYS A 359 1.96 -20.39 1.51
C LYS A 359 3.02 -19.75 0.63
N LEU A 360 3.05 -18.43 0.55
CA LEU A 360 4.09 -17.74 -0.19
C LEU A 360 5.45 -18.02 0.40
N SER A 361 5.59 -18.05 1.71
CA SER A 361 6.87 -18.33 2.34
C SER A 361 7.36 -19.71 1.95
N ALA A 362 6.47 -20.71 1.96
CA ALA A 362 6.86 -22.09 1.57
C ALA A 362 7.29 -22.09 0.11
N TYR A 363 6.58 -21.36 -0.76
CA TYR A 363 6.96 -21.28 -2.15
C TYR A 363 8.38 -20.72 -2.26
N ILE A 364 8.64 -19.64 -1.57
CA ILE A 364 9.99 -18.99 -1.65
C ILE A 364 11.04 -19.94 -1.15
N ARG A 365 10.77 -20.68 -0.09
CA ARG A 365 11.77 -21.65 0.42
C ARG A 365 12.08 -22.67 -0.65
N SER A 366 11.08 -23.11 -1.39
CA SER A 366 11.34 -24.10 -2.42
C SER A 366 11.95 -23.55 -3.69
N ASN A 367 11.52 -22.36 -4.11
CA ASN A 367 11.72 -21.90 -5.43
C ASN A 367 12.59 -20.63 -5.51
N GLY A 368 12.83 -19.95 -4.43
CA GLY A 368 13.40 -18.62 -4.41
C GLY A 368 12.45 -17.56 -4.87
N PHE A 369 12.85 -16.29 -4.92
CA PHE A 369 11.95 -15.21 -5.34
C PHE A 369 12.77 -14.04 -5.85
C ACE B 1 -4.07 15.20 -0.69
O ACE B 1 -5.00 14.93 -1.43
CH3 ACE B 1 -4.13 16.49 0.17
N ILE B 2 -2.95 14.47 -0.58
CA ILE B 2 -2.73 13.34 -1.45
C ILE B 2 -2.75 12.01 -0.69
N ALA B 3 -3.02 11.98 0.60
CA ALA B 3 -3.06 10.70 1.32
C ALA B 3 -4.14 9.80 0.77
N PHL B 4 -3.84 8.50 0.72
CA PHL B 4 -4.82 7.48 0.35
C PHL B 4 -5.11 6.64 1.66
O PHL B 4 -6.04 5.64 1.48
CB PHL B 4 -4.28 6.56 -0.76
CG PHL B 4 -4.29 7.18 -2.13
CD1 PHL B 4 -3.32 6.79 -3.07
CD2 PHL B 4 -5.31 8.08 -2.54
CE1 PHL B 4 -3.38 7.26 -4.38
CE2 PHL B 4 -5.30 8.57 -3.85
CZ PHL B 4 -4.33 8.18 -4.75
CA CA C . -9.70 -11.81 -9.16
C1 GOL D . -5.61 -0.72 18.60
O1 GOL D . -4.25 -1.19 18.26
C2 GOL D . -5.98 -1.55 19.80
O2 GOL D . -5.12 -1.29 20.90
C3 GOL D . -7.40 -1.16 20.24
O3 GOL D . -8.42 -1.11 19.13
C1 GOL E . -19.33 -2.83 2.50
O1 GOL E . -19.17 -1.95 1.32
C2 GOL E . -18.26 -2.30 3.72
O2 GOL E . -18.69 -1.00 4.18
C3 GOL E . -18.44 -3.40 4.92
O3 GOL E . -19.62 -3.24 5.53
CL CL F . 10.10 -2.44 -15.95
C1 GOL G . -1.08 14.65 2.79
O1 GOL G . -1.02 15.31 1.37
C2 GOL G . -2.50 14.97 3.31
O2 GOL G . -3.35 14.15 2.55
C3 GOL G . -2.38 14.39 4.71
O3 GOL G . -3.74 14.59 5.27
#